data_2Q09
#
_entry.id   2Q09
#
_cell.length_a   95.910
_cell.length_b   95.910
_cell.length_c   115.473
_cell.angle_alpha   90.00
_cell.angle_beta   90.00
_cell.angle_gamma   120.00
#
_symmetry.space_group_name_H-M   'P 32 2 1'
#
loop_
_entity.id
_entity.type
_entity.pdbx_description
1 polymer Imidazolonepropionase
2 non-polymer 'FE (III) ION'
3 non-polymer '3-[(4S)-2,5-DIOXOIMIDAZOLIDIN-4-YL]PROPANOIC ACID'
4 water water
#
_entity_poly.entity_id   1
_entity_poly.type   'polypeptide(L)'
_entity_poly.pdbx_seq_one_letter_code
;(MSE)SLNCERVWLNVTPATLRSDLADYGLLEPHALGVHEGRIHALVP(MSE)QDLKGPYPAHWQD(MSE)KGKLVTPGL
IDCHTHLIFAGSRAEEFELRQKGVPYAEIARKGGGIISTVRATRAASEDQLFELALPRVKSLIREGVTTVEIKSGYGLTL
EDELK(MSE)LRVARRLGEALPIRVKTTLLAAHAVPPEYRDDPDSWVETICQEIIPAAAEAGLADAVDVFCEHIGFSLAQ
TEQVYLAADQYGLAVKGH(MSE)DQLSNLGGSTLAANFGALSVDHLEYLDPEGIQALAHRGVVATLLPTAFYFLKETKLP
PVVALRKAGVP(MSE)AVSSDINPGTAPIVSLR(MSE)A(MSE)N(MSE)ACTLFGLTPVEA(MSE)AGVTRHAARALGE
QEQLGQLRVG(MSE)LADFLVWNCGHPAELSYLIGVDQLVSRVVNGEETLHGEGHHHHHH
;
_entity_poly.pdbx_strand_id   A
#
loop_
_chem_comp.id
_chem_comp.type
_chem_comp.name
_chem_comp.formula
DI6 non-polymer '3-[(4S)-2,5-DIOXOIMIDAZOLIDIN-4-YL]PROPANOIC ACID' 'C6 H8 N2 O4'
FE non-polymer 'FE (III) ION' 'Fe 3'
#
# COMPACT_ATOMS: atom_id res chain seq x y z
N ASN A 4 -19.33 27.83 4.79
CA ASN A 4 -20.63 27.10 4.67
C ASN A 4 -20.42 25.58 4.59
N CYS A 5 -20.09 24.98 5.74
CA CYS A 5 -19.85 23.55 5.83
C CYS A 5 -20.37 22.95 7.15
N GLU A 6 -20.75 21.69 7.11
CA GLU A 6 -21.31 21.01 8.30
C GLU A 6 -20.41 20.83 9.51
N ARG A 7 -19.13 20.53 9.28
CA ARG A 7 -18.23 20.30 10.39
C ARG A 7 -16.99 21.19 10.29
N VAL A 8 -16.48 21.62 11.44
CA VAL A 8 -15.29 22.48 11.44
C VAL A 8 -14.35 22.15 12.60
N TRP A 9 -13.08 22.05 12.27
CA TRP A 9 -12.03 21.76 13.24
C TRP A 9 -11.26 23.07 13.44
N LEU A 10 -11.39 23.65 14.62
CA LEU A 10 -10.72 24.91 14.91
C LEU A 10 -9.32 24.71 15.50
N ASN A 11 -8.47 25.69 15.27
CA ASN A 11 -7.10 25.69 15.77
C ASN A 11 -6.29 24.43 15.51
N VAL A 12 -6.18 24.06 14.24
CA VAL A 12 -5.36 22.91 13.88
C VAL A 12 -4.08 23.44 13.24
N THR A 13 -2.96 22.79 13.55
CA THR A 13 -1.67 23.16 12.97
C THR A 13 -1.50 22.16 11.83
N PRO A 14 -1.87 22.55 10.61
CA PRO A 14 -1.79 21.72 9.42
C PRO A 14 -0.46 21.43 8.75
N ALA A 15 -0.15 20.14 8.61
CA ALA A 15 1.03 19.70 7.90
C ALA A 15 0.32 19.25 6.63
N THR A 16 0.14 20.19 5.70
CA THR A 16 -0.61 19.93 4.48
C THR A 16 -0.01 18.92 3.54
N LEU A 17 1.31 18.76 3.59
CA LEU A 17 1.98 17.84 2.67
C LEU A 17 1.62 18.22 1.23
N ARG A 18 1.39 19.52 1.01
CA ARG A 18 1.06 20.01 -0.32
C ARG A 18 2.24 19.80 -1.27
N SER A 19 1.96 19.36 -2.49
CA SER A 19 3.00 19.12 -3.48
C SER A 19 3.80 20.37 -3.86
N ASP A 20 3.21 21.54 -3.67
CA ASP A 20 3.89 22.78 -4.02
C ASP A 20 4.53 23.48 -2.83
N LEU A 21 4.46 22.85 -1.66
CA LEU A 21 5.06 23.43 -0.46
C LEU A 21 6.24 22.59 0.02
N ALA A 22 7.27 23.27 0.52
CA ALA A 22 8.47 22.59 1.00
C ALA A 22 8.23 21.72 2.22
N ASP A 23 9.08 20.69 2.35
CA ASP A 23 9.02 19.76 3.47
C ASP A 23 7.62 19.20 3.72
N TYR A 24 7.09 19.48 4.91
CA TYR A 24 5.78 18.99 5.33
C TYR A 24 4.62 19.90 4.94
N GLY A 25 4.95 21.06 4.38
CA GLY A 25 3.90 22.00 4.02
C GLY A 25 3.16 22.45 5.28
N LEU A 26 3.90 22.61 6.37
CA LEU A 26 3.31 23.04 7.65
C LEU A 26 2.92 24.52 7.58
N LEU A 27 1.77 24.84 8.15
CA LEU A 27 1.27 26.21 8.17
C LEU A 27 0.91 26.64 9.58
N GLU A 28 0.60 27.93 9.74
CA GLU A 28 0.21 28.48 11.03
C GLU A 28 -1.14 27.85 11.36
N PRO A 29 -1.62 28.00 12.59
CA PRO A 29 -2.92 27.42 12.95
C PRO A 29 -4.03 27.82 11.98
N HIS A 30 -4.86 26.85 11.61
CA HIS A 30 -5.96 27.08 10.68
C HIS A 30 -7.26 26.49 11.19
N ALA A 31 -8.31 26.70 10.40
CA ALA A 31 -9.63 26.18 10.69
C ALA A 31 -9.91 25.29 9.48
N LEU A 32 -10.29 24.04 9.72
CA LEU A 32 -10.58 23.13 8.63
C LEU A 32 -12.06 22.76 8.63
N GLY A 33 -12.76 23.10 7.54
CA GLY A 33 -14.17 22.80 7.44
C GLY A 33 -14.42 21.79 6.35
N VAL A 34 -15.37 20.89 6.56
CA VAL A 34 -15.66 19.88 5.57
C VAL A 34 -17.09 19.99 5.06
N HIS A 35 -17.28 19.63 3.79
CA HIS A 35 -18.60 19.66 3.20
C HIS A 35 -18.74 18.48 2.26
N GLU A 36 -19.73 17.64 2.52
CA GLU A 36 -19.98 16.46 1.71
C GLU A 36 -18.73 15.63 1.48
N GLY A 37 -18.11 15.22 2.58
CA GLY A 37 -16.91 14.38 2.54
C GLY A 37 -15.63 14.99 2.02
N ARG A 38 -15.62 16.30 1.76
CA ARG A 38 -14.42 16.95 1.25
C ARG A 38 -14.01 18.16 2.05
N ILE A 39 -12.73 18.52 1.92
CA ILE A 39 -12.22 19.70 2.60
C ILE A 39 -12.83 20.87 1.85
N HIS A 40 -13.69 21.61 2.55
CA HIS A 40 -14.37 22.74 1.95
C HIS A 40 -13.61 24.04 2.09
N ALA A 41 -12.88 24.18 3.19
CA ALA A 41 -12.11 25.39 3.43
C ALA A 41 -10.99 25.22 4.45
N LEU A 42 -9.92 25.98 4.24
CA LEU A 42 -8.77 26.01 5.12
C LEU A 42 -8.43 27.47 5.31
N VAL A 43 -8.78 27.99 6.48
CA VAL A 43 -8.58 29.40 6.80
C VAL A 43 -7.75 29.64 8.05
N PRO A 44 -6.70 30.48 7.94
CA PRO A 44 -5.86 30.77 9.09
C PRO A 44 -6.71 31.30 10.24
N MSE A 45 -6.37 30.93 11.47
CA MSE A 45 -7.14 31.38 12.63
C MSE A 45 -7.12 32.89 12.85
O MSE A 45 -8.08 33.43 13.41
CB MSE A 45 -6.65 30.66 13.89
CG MSE A 45 -7.02 29.17 13.94
SE MSE A 45 -8.94 28.86 13.74
CE MSE A 45 -9.45 29.43 15.53
N GLN A 46 -6.07 33.57 12.42
CA GLN A 46 -6.00 35.00 12.60
C GLN A 46 -7.09 35.72 11.81
N ASP A 47 -7.62 35.06 10.78
CA ASP A 47 -8.69 35.60 9.96
C ASP A 47 -10.04 35.25 10.57
N LEU A 48 -10.06 34.88 11.84
CA LEU A 48 -11.29 34.51 12.51
C LEU A 48 -11.29 34.93 13.98
N LYS A 49 -12.47 35.18 14.53
CA LYS A 49 -12.59 35.59 15.93
C LYS A 49 -13.97 35.27 16.48
N TYR A 52 -19.49 29.28 18.15
CA TYR A 52 -18.60 29.64 17.06
C TYR A 52 -19.18 29.32 15.68
N PRO A 53 -20.20 28.44 15.61
CA PRO A 53 -21.02 27.65 16.53
C PRO A 53 -20.30 26.71 17.52
N ALA A 54 -21.09 26.08 18.38
CA ALA A 54 -20.57 25.19 19.41
C ALA A 54 -20.31 23.74 19.01
N HIS A 55 -20.77 23.33 17.83
CA HIS A 55 -20.50 21.97 17.41
C HIS A 55 -19.15 21.95 16.72
N TRP A 56 -18.55 23.13 16.60
CA TRP A 56 -17.24 23.29 16.00
C TRP A 56 -16.22 22.82 17.05
N GLN A 57 -15.35 21.91 16.65
CA GLN A 57 -14.35 21.37 17.57
C GLN A 57 -13.02 22.08 17.60
N ASP A 58 -12.63 22.54 18.79
CA ASP A 58 -11.38 23.27 19.00
C ASP A 58 -10.25 22.28 19.29
N MSE A 59 -9.35 22.09 18.35
CA MSE A 59 -8.24 21.16 18.56
C MSE A 59 -7.10 21.76 19.37
O MSE A 59 -6.12 21.09 19.68
CB MSE A 59 -7.73 20.66 17.21
CG MSE A 59 -8.75 19.81 16.46
SE MSE A 59 -9.36 18.26 17.49
CE MSE A 59 -11.06 19.00 18.05
N LYS A 60 -7.24 23.04 19.70
CA LYS A 60 -6.25 23.75 20.51
C LYS A 60 -4.81 23.69 19.99
N GLY A 61 -4.65 23.81 18.68
CA GLY A 61 -3.31 23.80 18.10
C GLY A 61 -2.70 22.45 17.75
N LYS A 62 -3.41 21.36 18.00
CA LYS A 62 -2.88 20.03 17.69
C LYS A 62 -2.53 19.90 16.21
N LEU A 63 -1.48 19.15 15.94
CA LEU A 63 -1.02 18.89 14.59
C LEU A 63 -2.04 18.06 13.80
N VAL A 64 -2.28 18.43 12.55
CA VAL A 64 -3.20 17.67 11.70
C VAL A 64 -2.46 17.33 10.40
N THR A 65 -2.68 16.11 9.92
CA THR A 65 -2.03 15.65 8.70
C THR A 65 -3.04 14.86 7.87
N PRO A 66 -2.71 14.57 6.61
CA PRO A 66 -3.64 13.78 5.78
C PRO A 66 -3.63 12.38 6.38
N GLY A 67 -4.64 11.56 6.08
CA GLY A 67 -4.67 10.21 6.62
C GLY A 67 -3.53 9.44 5.96
N LEU A 68 -2.94 8.48 6.66
CA LEU A 68 -1.84 7.73 6.07
C LEU A 68 -2.38 6.70 5.07
N ILE A 69 -1.53 6.37 4.10
CA ILE A 69 -1.89 5.41 3.07
C ILE A 69 -0.84 4.31 2.94
N ASP A 70 -1.27 3.05 3.01
CA ASP A 70 -0.39 1.88 2.88
C ASP A 70 -0.78 1.28 1.52
N CYS A 71 0.00 1.61 0.50
CA CYS A 71 -0.30 1.20 -0.87
C CYS A 71 0.16 -0.16 -1.37
N HIS A 72 0.65 -1.02 -0.48
CA HIS A 72 1.12 -2.34 -0.91
C HIS A 72 1.05 -3.36 0.21
N THR A 73 -0.06 -4.09 0.29
CA THR A 73 -0.17 -5.12 1.32
C THR A 73 -0.80 -6.41 0.80
N HIS A 74 -0.54 -7.49 1.54
CA HIS A 74 -1.07 -8.83 1.27
C HIS A 74 -1.67 -9.23 2.61
N LEU A 75 -2.38 -8.32 3.30
CA LEU A 75 -2.89 -8.64 4.63
C LEU A 75 -3.98 -9.71 4.72
N ILE A 76 -4.54 -10.11 3.58
CA ILE A 76 -5.56 -11.17 3.58
C ILE A 76 -4.89 -12.51 3.36
N PHE A 77 -4.99 -13.40 4.33
CA PHE A 77 -4.37 -14.72 4.19
C PHE A 77 -4.71 -15.58 5.39
N ALA A 78 -4.57 -16.89 5.22
CA ALA A 78 -4.81 -17.84 6.29
C ALA A 78 -3.51 -18.59 6.57
N GLY A 79 -3.51 -19.40 7.63
CA GLY A 79 -2.33 -20.17 7.97
C GLY A 79 -1.24 -19.35 8.64
N SER A 80 -0.14 -20.02 8.97
CA SER A 80 0.99 -19.38 9.62
C SER A 80 2.30 -20.01 9.16
N ARG A 81 3.28 -19.16 8.83
CA ARG A 81 4.57 -19.64 8.38
C ARG A 81 5.58 -19.56 9.54
N ALA A 82 5.07 -19.30 10.74
CA ALA A 82 5.91 -19.18 11.94
C ALA A 82 6.71 -20.43 12.25
N GLU A 83 6.05 -21.59 12.23
CA GLU A 83 6.74 -22.85 12.53
C GLU A 83 7.83 -23.12 11.51
N GLU A 84 7.54 -22.82 10.26
CA GLU A 84 8.49 -23.00 9.18
C GLU A 84 9.71 -22.12 9.46
N PHE A 85 9.46 -20.89 9.90
CA PHE A 85 10.53 -19.94 10.21
C PHE A 85 11.40 -20.52 11.34
N GLU A 86 10.74 -21.02 12.37
CA GLU A 86 11.44 -21.61 13.50
C GLU A 86 12.37 -22.72 13.04
N LEU A 87 11.85 -23.61 12.19
CA LEU A 87 12.64 -24.72 11.68
C LEU A 87 13.89 -24.23 10.95
N ARG A 88 13.72 -23.17 10.17
CA ARG A 88 14.84 -22.59 9.44
C ARG A 88 15.87 -22.03 10.40
N GLN A 89 15.40 -21.33 11.43
CA GLN A 89 16.29 -20.74 12.42
C GLN A 89 17.06 -21.86 13.12
N LYS A 90 16.42 -23.00 13.29
CA LYS A 90 17.04 -24.15 13.94
C LYS A 90 18.06 -24.82 13.03
N GLY A 91 18.05 -24.48 11.74
CA GLY A 91 19.01 -25.06 10.82
C GLY A 91 18.49 -26.13 9.87
N VAL A 92 17.17 -26.34 9.83
CA VAL A 92 16.61 -27.32 8.93
C VAL A 92 16.69 -26.76 7.51
N PRO A 93 17.24 -27.54 6.57
CA PRO A 93 17.41 -27.14 5.15
C PRO A 93 16.08 -26.74 4.51
N TYR A 94 16.10 -25.68 3.71
CA TYR A 94 14.87 -25.25 3.05
C TYR A 94 14.31 -26.35 2.16
N ALA A 95 15.19 -27.18 1.60
CA ALA A 95 14.76 -28.27 0.74
C ALA A 95 13.80 -29.18 1.49
N GLU A 96 14.11 -29.48 2.74
CA GLU A 96 13.26 -30.35 3.55
C GLU A 96 11.92 -29.65 3.81
N ILE A 97 11.97 -28.36 4.15
CA ILE A 97 10.76 -27.59 4.42
C ILE A 97 9.90 -27.54 3.17
N ALA A 98 10.53 -27.31 2.03
CA ALA A 98 9.82 -27.22 0.76
C ALA A 98 9.23 -28.57 0.31
N ARG A 99 10.02 -29.63 0.35
CA ARG A 99 9.51 -30.94 -0.06
C ARG A 99 8.27 -31.33 0.74
N LYS A 100 8.16 -30.83 1.97
CA LYS A 100 7.00 -31.11 2.80
C LYS A 100 5.92 -30.05 2.56
N GLY A 101 6.06 -29.31 1.46
CA GLY A 101 5.08 -28.30 1.13
C GLY A 101 5.15 -26.94 1.81
N GLY A 102 6.34 -26.54 2.25
CA GLY A 102 6.49 -25.25 2.90
C GLY A 102 6.66 -24.13 1.89
N GLY A 103 6.82 -22.90 2.39
CA GLY A 103 6.99 -21.76 1.50
C GLY A 103 5.66 -21.11 1.16
N ILE A 104 5.66 -20.29 0.11
CA ILE A 104 4.43 -19.61 -0.27
C ILE A 104 3.29 -20.57 -0.59
N ILE A 105 3.60 -21.80 -0.99
CA ILE A 105 2.54 -22.74 -1.31
C ILE A 105 1.73 -23.11 -0.07
N SER A 106 2.35 -23.14 1.11
CA SER A 106 1.58 -23.46 2.30
C SER A 106 0.55 -22.37 2.57
N THR A 107 0.90 -21.12 2.30
CA THR A 107 -0.04 -20.03 2.51
C THR A 107 -1.17 -20.17 1.49
N VAL A 108 -0.83 -20.59 0.28
CA VAL A 108 -1.84 -20.78 -0.76
C VAL A 108 -2.82 -21.89 -0.37
N ARG A 109 -2.31 -23.01 0.12
CA ARG A 109 -3.20 -24.10 0.51
C ARG A 109 -4.08 -23.69 1.69
N ALA A 110 -3.49 -23.03 2.68
CA ALA A 110 -4.26 -22.59 3.84
C ALA A 110 -5.32 -21.58 3.43
N THR A 111 -4.98 -20.68 2.52
CA THR A 111 -5.92 -19.64 2.08
C THR A 111 -7.03 -20.21 1.19
N ARG A 112 -6.70 -21.17 0.33
CA ARG A 112 -7.72 -21.80 -0.52
C ARG A 112 -8.70 -22.53 0.39
N ALA A 113 -8.16 -23.22 1.39
CA ALA A 113 -8.97 -23.98 2.32
C ALA A 113 -9.81 -23.11 3.26
N ALA A 114 -9.34 -21.91 3.53
CA ALA A 114 -10.09 -21.03 4.42
C ALA A 114 -11.34 -20.54 3.71
N SER A 115 -12.42 -20.37 4.46
CA SER A 115 -13.66 -19.88 3.88
C SER A 115 -13.56 -18.37 3.77
N GLU A 116 -14.41 -17.78 2.92
CA GLU A 116 -14.43 -16.34 2.76
C GLU A 116 -14.69 -15.67 4.12
N ASP A 117 -15.63 -16.22 4.89
CA ASP A 117 -15.95 -15.66 6.19
C ASP A 117 -14.76 -15.77 7.15
N GLN A 118 -13.99 -16.85 7.04
CA GLN A 118 -12.83 -17.05 7.91
C GLN A 118 -11.70 -16.05 7.58
N LEU A 119 -11.47 -15.79 6.30
CA LEU A 119 -10.43 -14.84 5.90
C LEU A 119 -10.77 -13.45 6.39
N PHE A 120 -12.05 -13.11 6.35
CA PHE A 120 -12.54 -11.81 6.80
C PHE A 120 -12.25 -11.64 8.30
N GLU A 121 -12.61 -12.66 9.07
CA GLU A 121 -12.39 -12.63 10.51
C GLU A 121 -10.90 -12.58 10.85
N LEU A 122 -10.07 -13.24 10.04
CA LEU A 122 -8.63 -13.24 10.26
C LEU A 122 -8.00 -11.89 9.92
N ALA A 123 -8.58 -11.21 8.95
CA ALA A 123 -8.07 -9.91 8.52
C ALA A 123 -8.52 -8.72 9.36
N LEU A 124 -9.69 -8.83 9.99
CA LEU A 124 -10.20 -7.72 10.80
C LEU A 124 -9.17 -7.13 11.77
N PRO A 125 -8.62 -7.94 12.70
CA PRO A 125 -7.64 -7.45 13.66
C PRO A 125 -6.39 -6.83 13.03
N ARG A 126 -6.03 -7.30 11.85
CA ARG A 126 -4.86 -6.76 11.16
C ARG A 126 -5.17 -5.34 10.69
N VAL A 127 -6.32 -5.16 10.05
CA VAL A 127 -6.72 -3.85 9.58
C VAL A 127 -6.91 -2.88 10.74
N LYS A 128 -7.39 -3.38 11.88
CA LYS A 128 -7.60 -2.51 13.04
C LYS A 128 -6.30 -1.93 13.55
N SER A 129 -5.21 -2.68 13.42
CA SER A 129 -3.92 -2.17 13.87
C SER A 129 -3.47 -1.03 12.96
N LEU A 130 -3.74 -1.16 11.66
CA LEU A 130 -3.35 -0.10 10.73
C LEU A 130 -4.22 1.12 11.01
N ILE A 131 -5.50 0.89 11.26
CA ILE A 131 -6.44 1.98 11.54
C ILE A 131 -5.96 2.87 12.70
N ARG A 132 -5.59 2.26 13.82
CA ARG A 132 -5.14 3.06 14.96
C ARG A 132 -3.80 3.76 14.75
N GLU A 133 -3.05 3.36 13.72
CA GLU A 133 -1.78 4.01 13.42
C GLU A 133 -2.07 5.25 12.57
N GLY A 134 -3.29 5.36 12.07
CA GLY A 134 -3.65 6.49 11.25
C GLY A 134 -3.83 6.17 9.77
N VAL A 135 -3.84 4.89 9.41
CA VAL A 135 -4.02 4.53 8.01
C VAL A 135 -5.49 4.67 7.63
N THR A 136 -5.78 5.46 6.60
CA THR A 136 -7.17 5.69 6.19
C THR A 136 -7.48 5.07 4.83
N THR A 137 -6.44 4.68 4.11
CA THR A 137 -6.60 4.00 2.82
C THR A 137 -5.54 2.90 2.76
N VAL A 138 -5.98 1.68 2.49
CA VAL A 138 -5.06 0.55 2.39
C VAL A 138 -5.31 -0.22 1.11
N GLU A 139 -4.23 -0.68 0.48
CA GLU A 139 -4.33 -1.47 -0.74
C GLU A 139 -4.14 -2.94 -0.32
N ILE A 140 -5.02 -3.81 -0.79
CA ILE A 140 -4.95 -5.23 -0.47
C ILE A 140 -4.94 -6.06 -1.74
N LYS A 141 -3.96 -6.96 -1.84
CA LYS A 141 -3.82 -7.80 -3.02
C LYS A 141 -4.39 -9.20 -2.81
N SER A 142 -4.66 -9.88 -3.92
CA SER A 142 -5.12 -11.26 -3.86
C SER A 142 -3.78 -11.99 -3.98
N GLY A 143 -3.70 -13.08 -4.73
CA GLY A 143 -2.42 -13.74 -4.89
C GLY A 143 -2.12 -14.96 -4.05
N TYR A 144 -2.99 -15.31 -3.12
CA TYR A 144 -2.79 -16.51 -2.31
C TYR A 144 -3.87 -17.55 -2.61
N GLY A 145 -4.61 -17.32 -3.70
CA GLY A 145 -5.67 -18.23 -4.09
C GLY A 145 -5.20 -19.10 -5.25
N LEU A 146 -4.67 -18.47 -6.27
CA LEU A 146 -4.16 -19.16 -7.45
C LEU A 146 -5.16 -20.10 -8.13
N THR A 147 -6.42 -19.69 -8.14
CA THR A 147 -7.53 -20.37 -8.81
C THR A 147 -8.47 -19.21 -9.05
N LEU A 148 -9.37 -19.31 -10.03
CA LEU A 148 -10.28 -18.20 -10.27
C LEU A 148 -11.14 -17.90 -9.04
N GLU A 149 -11.83 -18.91 -8.52
CA GLU A 149 -12.70 -18.70 -7.37
C GLU A 149 -11.97 -18.18 -6.12
N ASP A 150 -10.79 -18.71 -5.85
CA ASP A 150 -10.07 -18.27 -4.65
C ASP A 150 -9.50 -16.87 -4.78
N GLU A 151 -9.05 -16.48 -5.97
CA GLU A 151 -8.54 -15.12 -6.16
C GLU A 151 -9.67 -14.10 -5.94
N LEU A 152 -10.84 -14.35 -6.53
CA LEU A 152 -11.97 -13.44 -6.35
C LEU A 152 -12.50 -13.47 -4.92
N LYS A 153 -12.34 -14.61 -4.25
CA LYS A 153 -12.77 -14.75 -2.87
C LYS A 153 -12.00 -13.73 -2.03
N MSE A 154 -10.72 -13.61 -2.30
CA MSE A 154 -9.88 -12.66 -1.57
C MSE A 154 -10.31 -11.23 -1.85
O MSE A 154 -10.40 -10.41 -0.94
CB MSE A 154 -8.42 -12.88 -1.94
CG MSE A 154 -7.90 -14.23 -1.44
SE MSE A 154 -6.08 -14.55 -1.92
CE MSE A 154 -6.26 -14.66 -3.80
N LEU A 155 -10.60 -10.94 -3.12
CA LEU A 155 -11.02 -9.59 -3.48
C LEU A 155 -12.35 -9.26 -2.80
N ARG A 156 -13.23 -10.26 -2.67
CA ARG A 156 -14.50 -10.02 -2.02
C ARG A 156 -14.29 -9.72 -0.54
N VAL A 157 -13.35 -10.43 0.10
CA VAL A 157 -13.08 -10.19 1.50
C VAL A 157 -12.55 -8.76 1.66
N ALA A 158 -11.72 -8.33 0.71
CA ALA A 158 -11.16 -6.98 0.74
C ALA A 158 -12.30 -5.95 0.70
N ARG A 159 -13.24 -6.12 -0.23
CA ARG A 159 -14.38 -5.21 -0.32
C ARG A 159 -15.16 -5.24 0.99
N ARG A 160 -15.32 -6.42 1.57
CA ARG A 160 -16.05 -6.56 2.84
C ARG A 160 -15.39 -5.75 3.95
N LEU A 161 -14.06 -5.77 3.99
CA LEU A 161 -13.33 -5.04 5.02
C LEU A 161 -13.58 -3.54 4.86
N GLY A 162 -13.59 -3.07 3.62
CA GLY A 162 -13.80 -1.66 3.36
C GLY A 162 -15.22 -1.21 3.72
N GLU A 163 -16.15 -2.17 3.73
CA GLU A 163 -17.53 -1.85 4.08
C GLU A 163 -17.77 -1.94 5.58
N ALA A 164 -17.09 -2.89 6.22
CA ALA A 164 -17.25 -3.10 7.66
C ALA A 164 -16.45 -2.17 8.56
N LEU A 165 -15.35 -1.62 8.06
CA LEU A 165 -14.50 -0.74 8.85
C LEU A 165 -14.37 0.64 8.24
N PRO A 166 -14.06 1.66 9.05
CA PRO A 166 -13.91 3.04 8.57
C PRO A 166 -12.55 3.24 7.91
N ILE A 167 -12.39 2.64 6.73
CA ILE A 167 -11.12 2.72 6.01
C ILE A 167 -11.37 2.46 4.52
N ARG A 168 -10.65 3.17 3.66
CA ARG A 168 -10.81 2.98 2.22
C ARG A 168 -9.93 1.82 1.76
N VAL A 169 -10.49 0.94 0.95
CA VAL A 169 -9.73 -0.21 0.47
C VAL A 169 -9.64 -0.21 -1.05
N LYS A 170 -8.43 -0.37 -1.55
CA LYS A 170 -8.20 -0.45 -2.99
C LYS A 170 -7.80 -1.92 -3.18
N THR A 171 -8.42 -2.59 -4.14
CA THR A 171 -8.10 -4.00 -4.37
C THR A 171 -7.19 -4.19 -5.56
N THR A 172 -6.36 -5.22 -5.50
CA THR A 172 -5.43 -5.50 -6.57
C THR A 172 -5.38 -6.99 -6.84
N LEU A 173 -5.63 -7.36 -8.09
CA LEU A 173 -5.59 -8.76 -8.49
C LEU A 173 -4.15 -9.20 -8.71
N LEU A 174 -3.68 -10.12 -7.88
CA LEU A 174 -2.31 -10.61 -7.98
C LEU A 174 -2.31 -12.12 -8.22
N ALA A 175 -3.04 -12.56 -9.24
CA ALA A 175 -3.11 -13.99 -9.55
C ALA A 175 -1.75 -14.46 -10.07
N ALA A 176 -0.99 -13.54 -10.64
CA ALA A 176 0.34 -13.86 -11.16
C ALA A 176 1.41 -13.68 -10.09
N HIS A 177 1.12 -14.20 -8.89
CA HIS A 177 2.04 -14.12 -7.76
C HIS A 177 3.02 -15.28 -7.82
N ALA A 178 2.55 -16.38 -8.43
CA ALA A 178 3.32 -17.59 -8.58
C ALA A 178 2.46 -18.55 -9.41
N VAL A 179 3.05 -19.63 -9.87
CA VAL A 179 2.34 -20.63 -10.66
C VAL A 179 1.77 -21.69 -9.73
N PRO A 180 0.45 -21.89 -9.74
CA PRO A 180 -0.10 -22.90 -8.84
C PRO A 180 0.39 -24.31 -9.17
N PRO A 181 0.29 -25.24 -8.20
CA PRO A 181 0.74 -26.63 -8.37
C PRO A 181 0.14 -27.32 -9.59
N GLU A 182 -1.15 -27.04 -9.84
CA GLU A 182 -1.85 -27.65 -10.96
C GLU A 182 -1.29 -27.27 -12.33
N TYR A 183 -0.51 -26.19 -12.38
CA TYR A 183 0.08 -25.71 -13.64
C TYR A 183 1.60 -25.77 -13.61
N ARG A 184 2.14 -26.42 -12.58
CA ARG A 184 3.59 -26.55 -12.39
C ARG A 184 4.39 -26.78 -13.68
N ASP A 185 3.88 -27.65 -14.55
CA ASP A 185 4.56 -27.97 -15.79
C ASP A 185 4.04 -27.24 -17.02
N ASP A 186 3.18 -26.25 -16.81
CA ASP A 186 2.66 -25.49 -17.93
C ASP A 186 2.27 -24.09 -17.48
N PRO A 187 3.28 -23.29 -17.09
CA PRO A 187 3.16 -21.91 -16.60
C PRO A 187 2.35 -21.01 -17.53
N ASP A 188 2.54 -21.19 -18.83
CA ASP A 188 1.84 -20.39 -19.83
C ASP A 188 0.35 -20.65 -19.85
N SER A 189 -0.03 -21.85 -19.43
CA SER A 189 -1.44 -22.23 -19.39
C SER A 189 -2.09 -21.43 -18.27
N TRP A 190 -1.34 -21.21 -17.19
CA TRP A 190 -1.84 -20.45 -16.04
C TRP A 190 -1.99 -19.00 -16.47
N VAL A 191 -1.03 -18.50 -17.25
CA VAL A 191 -1.11 -17.12 -17.73
C VAL A 191 -2.35 -16.95 -18.59
N GLU A 192 -2.66 -17.93 -19.44
CA GLU A 192 -3.86 -17.83 -20.27
C GLU A 192 -5.12 -17.75 -19.42
N THR A 193 -5.16 -18.53 -18.35
CA THR A 193 -6.30 -18.54 -17.44
C THR A 193 -6.54 -17.18 -16.83
N ILE A 194 -5.46 -16.54 -16.37
CA ILE A 194 -5.53 -15.21 -15.76
C ILE A 194 -6.08 -14.21 -16.76
N CYS A 195 -5.51 -14.23 -17.96
CA CYS A 195 -5.91 -13.30 -19.01
C CYS A 195 -7.31 -13.54 -19.60
N GLN A 196 -7.66 -14.80 -19.81
CA GLN A 196 -8.96 -15.09 -20.42
C GLN A 196 -10.11 -15.39 -19.48
N GLU A 197 -9.81 -15.64 -18.22
CA GLU A 197 -10.88 -15.98 -17.29
C GLU A 197 -10.90 -15.16 -16.00
N ILE A 198 -9.80 -15.17 -15.26
CA ILE A 198 -9.76 -14.45 -14.00
C ILE A 198 -9.93 -12.93 -14.11
N ILE A 199 -9.11 -12.28 -14.93
CA ILE A 199 -9.24 -10.84 -15.08
C ILE A 199 -10.66 -10.48 -15.56
N PRO A 200 -11.17 -11.19 -16.59
CA PRO A 200 -12.53 -10.87 -17.06
C PRO A 200 -13.59 -11.03 -15.98
N ALA A 201 -13.53 -12.12 -15.22
CA ALA A 201 -14.51 -12.37 -14.17
C ALA A 201 -14.39 -11.33 -13.05
N ALA A 202 -13.15 -10.98 -12.72
CA ALA A 202 -12.91 -10.00 -11.66
C ALA A 202 -13.44 -8.63 -12.06
N ALA A 203 -13.19 -8.25 -13.31
CA ALA A 203 -13.64 -6.97 -13.83
C ALA A 203 -15.16 -6.91 -13.92
N GLU A 204 -15.76 -7.99 -14.42
CA GLU A 204 -17.21 -8.07 -14.56
C GLU A 204 -17.88 -7.86 -13.20
N ALA A 205 -17.26 -8.40 -12.15
CA ALA A 205 -17.82 -8.27 -10.81
C ALA A 205 -17.40 -6.98 -10.11
N GLY A 206 -16.56 -6.18 -10.78
CA GLY A 206 -16.10 -4.92 -10.20
C GLY A 206 -15.28 -5.18 -8.94
N LEU A 207 -14.54 -6.28 -8.93
CA LEU A 207 -13.74 -6.65 -7.77
C LEU A 207 -12.28 -6.19 -7.75
N ALA A 208 -11.76 -5.75 -8.89
CA ALA A 208 -10.36 -5.32 -8.94
C ALA A 208 -10.14 -3.89 -9.40
N ASP A 209 -9.39 -3.12 -8.62
CA ASP A 209 -9.10 -1.74 -8.96
C ASP A 209 -7.79 -1.71 -9.76
N ALA A 210 -7.00 -2.76 -9.66
CA ALA A 210 -5.74 -2.84 -10.38
C ALA A 210 -5.25 -4.28 -10.52
N VAL A 211 -4.25 -4.47 -11.37
CA VAL A 211 -3.65 -5.79 -11.61
C VAL A 211 -2.15 -5.71 -11.34
N ASP A 212 -1.65 -6.68 -10.58
CA ASP A 212 -0.25 -6.74 -10.18
C ASP A 212 0.40 -8.03 -10.72
N VAL A 213 1.72 -8.07 -10.73
CA VAL A 213 2.46 -9.24 -11.23
C VAL A 213 3.82 -9.41 -10.54
N PHE A 214 4.18 -10.66 -10.26
CA PHE A 214 5.47 -10.95 -9.67
C PHE A 214 6.39 -11.37 -10.80
N CYS A 215 7.12 -10.38 -11.34
CA CYS A 215 8.04 -10.62 -12.45
C CYS A 215 9.44 -10.91 -11.92
N GLU A 216 9.87 -12.16 -12.05
CA GLU A 216 11.17 -12.55 -11.54
C GLU A 216 11.55 -13.91 -12.12
N HIS A 217 12.81 -14.33 -11.92
CA HIS A 217 13.26 -15.62 -12.44
C HIS A 217 12.46 -16.75 -11.81
N ILE A 218 12.15 -16.65 -10.52
CA ILE A 218 11.37 -17.67 -9.84
C ILE A 218 9.91 -17.23 -9.83
N GLY A 219 9.60 -16.20 -10.61
CA GLY A 219 8.26 -15.69 -10.70
C GLY A 219 7.78 -15.81 -12.13
N PHE A 220 7.32 -14.72 -12.70
CA PHE A 220 6.85 -14.72 -14.08
C PHE A 220 7.80 -13.93 -14.96
N SER A 221 8.06 -14.43 -16.15
CA SER A 221 8.96 -13.77 -17.09
C SER A 221 8.40 -12.44 -17.59
N LEU A 222 9.23 -11.70 -18.28
CA LEU A 222 8.86 -10.41 -18.84
C LEU A 222 7.74 -10.63 -19.88
N ALA A 223 7.89 -11.69 -20.67
CA ALA A 223 6.90 -12.01 -21.71
C ALA A 223 5.55 -12.36 -21.09
N GLN A 224 5.57 -13.20 -20.06
CA GLN A 224 4.33 -13.60 -19.40
C GLN A 224 3.72 -12.41 -18.68
N THR A 225 4.57 -11.52 -18.20
CA THR A 225 4.10 -10.32 -17.51
C THR A 225 3.38 -9.42 -18.51
N GLU A 226 3.92 -9.33 -19.72
CA GLU A 226 3.33 -8.50 -20.75
C GLU A 226 1.94 -9.00 -21.13
N GLN A 227 1.77 -10.32 -21.16
CA GLN A 227 0.47 -10.90 -21.51
C GLN A 227 -0.58 -10.44 -20.51
N VAL A 228 -0.23 -10.42 -19.24
CA VAL A 228 -1.16 -9.98 -18.20
C VAL A 228 -1.55 -8.52 -18.36
N TYR A 229 -0.57 -7.63 -18.45
CA TYR A 229 -0.87 -6.20 -18.61
C TYR A 229 -1.76 -5.94 -19.81
N LEU A 230 -1.61 -6.74 -20.85
CA LEU A 230 -2.42 -6.58 -22.05
C LEU A 230 -3.88 -6.85 -21.74
N ALA A 231 -4.13 -7.91 -20.97
CA ALA A 231 -5.48 -8.27 -20.59
C ALA A 231 -6.07 -7.19 -19.68
N ALA A 232 -5.29 -6.76 -18.69
CA ALA A 232 -5.73 -5.72 -17.77
C ALA A 232 -6.16 -4.53 -18.61
N ASP A 233 -5.29 -4.16 -19.55
CA ASP A 233 -5.53 -3.05 -20.46
C ASP A 233 -6.91 -3.15 -21.12
N GLN A 234 -7.21 -4.33 -21.66
CA GLN A 234 -8.47 -4.58 -22.34
C GLN A 234 -9.71 -4.35 -21.47
N TYR A 235 -9.57 -4.52 -20.16
CA TYR A 235 -10.69 -4.32 -19.25
C TYR A 235 -10.62 -3.00 -18.50
N GLY A 236 -9.72 -2.13 -18.92
CA GLY A 236 -9.57 -0.83 -18.30
C GLY A 236 -9.13 -0.85 -16.85
N LEU A 237 -8.25 -1.78 -16.51
CA LEU A 237 -7.75 -1.89 -15.15
C LEU A 237 -6.31 -1.39 -15.09
N ALA A 238 -6.00 -0.63 -14.05
CA ALA A 238 -4.65 -0.09 -13.86
C ALA A 238 -3.70 -1.24 -13.55
N VAL A 239 -2.41 -1.06 -13.85
CA VAL A 239 -1.44 -2.12 -13.59
C VAL A 239 -0.29 -1.65 -12.70
N LYS A 240 0.43 -2.61 -12.13
CA LYS A 240 1.57 -2.34 -11.27
C LYS A 240 2.34 -3.66 -11.20
N GLY A 241 3.44 -3.70 -10.45
CA GLY A 241 4.18 -4.95 -10.39
C GLY A 241 5.26 -5.05 -9.33
N HIS A 242 5.51 -6.29 -8.90
CA HIS A 242 6.57 -6.59 -7.94
C HIS A 242 7.81 -6.70 -8.82
N MSE A 243 8.59 -5.63 -8.90
CA MSE A 243 9.77 -5.63 -9.77
C MSE A 243 11.14 -5.53 -9.13
O MSE A 243 11.32 -4.92 -8.08
CB MSE A 243 9.65 -4.51 -10.80
CG MSE A 243 9.49 -4.98 -12.23
SE MSE A 243 7.90 -6.02 -12.42
CE MSE A 243 6.64 -4.59 -12.43
N ASP A 244 12.11 -6.16 -9.80
CA ASP A 244 13.50 -6.14 -9.40
C ASP A 244 13.79 -6.40 -7.92
N GLN A 245 13.07 -7.35 -7.32
CA GLN A 245 13.30 -7.67 -5.92
C GLN A 245 14.49 -8.63 -5.77
N LEU A 246 14.59 -9.62 -6.66
CA LEU A 246 15.67 -10.59 -6.60
C LEU A 246 16.63 -10.46 -7.78
N SER A 247 16.16 -9.93 -8.89
CA SER A 247 16.98 -9.73 -10.08
C SER A 247 16.27 -8.80 -11.04
N ASN A 248 17.01 -8.27 -12.02
CA ASN A 248 16.42 -7.36 -12.99
C ASN A 248 16.17 -8.07 -14.32
N LEU A 249 14.90 -8.14 -14.71
CA LEU A 249 14.54 -8.78 -15.98
C LEU A 249 14.06 -7.71 -16.96
N GLY A 250 14.02 -6.46 -16.49
CA GLY A 250 13.57 -5.37 -17.33
C GLY A 250 12.10 -5.09 -17.09
N GLY A 251 11.57 -5.68 -16.02
CA GLY A 251 10.17 -5.52 -15.69
C GLY A 251 9.73 -4.09 -15.43
N SER A 252 10.57 -3.30 -14.76
CA SER A 252 10.21 -1.92 -14.46
C SER A 252 10.00 -1.11 -15.74
N THR A 253 10.82 -1.37 -16.75
CA THR A 253 10.68 -0.64 -18.02
C THR A 253 9.41 -1.06 -18.76
N LEU A 254 9.04 -2.32 -18.63
CA LEU A 254 7.83 -2.81 -19.28
C LEU A 254 6.62 -2.17 -18.62
N ALA A 255 6.61 -2.19 -17.29
CA ALA A 255 5.52 -1.60 -16.53
C ALA A 255 5.39 -0.13 -16.86
N ALA A 256 6.51 0.57 -16.95
CA ALA A 256 6.49 2.00 -17.27
C ALA A 256 5.88 2.22 -18.66
N ASN A 257 6.15 1.32 -19.59
CA ASN A 257 5.60 1.45 -20.94
C ASN A 257 4.11 1.17 -20.98
N PHE A 258 3.61 0.53 -19.94
CA PHE A 258 2.19 0.22 -19.83
C PHE A 258 1.48 1.24 -18.95
N GLY A 259 2.20 2.27 -18.52
CA GLY A 259 1.61 3.29 -17.68
C GLY A 259 1.28 2.77 -16.29
N ALA A 260 2.16 1.93 -15.74
CA ALA A 260 1.94 1.37 -14.42
C ALA A 260 1.80 2.48 -13.38
N LEU A 261 0.96 2.25 -12.38
CA LEU A 261 0.77 3.22 -11.31
C LEU A 261 2.05 3.24 -10.46
N SER A 262 2.67 2.07 -10.33
CA SER A 262 3.89 1.95 -9.53
C SER A 262 4.59 0.62 -9.77
N VAL A 263 5.86 0.56 -9.38
CA VAL A 263 6.66 -0.66 -9.46
C VAL A 263 7.15 -0.78 -8.03
N ASP A 264 7.10 -2.00 -7.48
CA ASP A 264 7.48 -2.18 -6.07
C ASP A 264 8.64 -3.13 -5.78
N HIS A 265 9.43 -2.78 -4.76
CA HIS A 265 10.63 -3.48 -4.29
C HIS A 265 11.84 -2.78 -4.89
N LEU A 266 12.16 -3.09 -6.14
CA LEU A 266 13.24 -2.42 -6.86
C LEU A 266 14.68 -2.55 -6.37
N GLU A 267 14.98 -3.55 -5.54
CA GLU A 267 16.36 -3.71 -5.07
C GLU A 267 17.37 -3.68 -6.23
N TYR A 268 17.01 -4.31 -7.34
CA TYR A 268 17.89 -4.38 -8.51
C TYR A 268 17.53 -3.46 -9.68
N LEU A 269 16.84 -2.36 -9.40
CA LEU A 269 16.46 -1.43 -10.46
C LEU A 269 17.72 -0.77 -11.05
N ASP A 270 17.75 -0.63 -12.37
CA ASP A 270 18.90 -0.02 -13.05
C ASP A 270 18.57 1.39 -13.58
N PRO A 271 19.60 2.12 -14.06
CA PRO A 271 19.45 3.49 -14.60
C PRO A 271 18.40 3.60 -15.69
N GLU A 272 18.48 2.72 -16.68
CA GLU A 272 17.54 2.72 -17.78
C GLU A 272 16.11 2.66 -17.27
N GLY A 273 15.89 1.81 -16.28
CA GLY A 273 14.55 1.67 -15.71
C GLY A 273 14.16 2.95 -15.00
N ILE A 274 15.10 3.51 -14.24
CA ILE A 274 14.85 4.74 -13.51
C ILE A 274 14.44 5.84 -14.47
N GLN A 275 15.12 5.91 -15.61
CA GLN A 275 14.82 6.91 -16.61
C GLN A 275 13.40 6.71 -17.15
N ALA A 276 13.00 5.45 -17.30
CA ALA A 276 11.67 5.13 -17.80
C ALA A 276 10.62 5.55 -16.78
N LEU A 277 10.88 5.26 -15.50
CA LEU A 277 9.95 5.63 -14.45
C LEU A 277 9.76 7.14 -14.40
N ALA A 278 10.86 7.88 -14.46
CA ALA A 278 10.81 9.34 -14.41
C ALA A 278 9.96 9.90 -15.55
N HIS A 279 10.15 9.34 -16.73
CA HIS A 279 9.43 9.79 -17.91
C HIS A 279 7.94 9.46 -17.93
N ARG A 280 7.57 8.27 -17.44
CA ARG A 280 6.18 7.86 -17.43
C ARG A 280 5.46 8.19 -16.11
N GLY A 281 6.13 8.92 -15.24
CA GLY A 281 5.53 9.31 -13.97
C GLY A 281 5.10 8.16 -13.09
N VAL A 282 5.85 7.07 -13.12
CA VAL A 282 5.54 5.89 -12.31
C VAL A 282 6.09 6.12 -10.90
N VAL A 283 5.37 5.64 -9.89
CA VAL A 283 5.83 5.78 -8.52
C VAL A 283 6.68 4.56 -8.15
N ALA A 284 7.79 4.80 -7.45
CA ALA A 284 8.64 3.70 -7.02
C ALA A 284 8.26 3.41 -5.57
N THR A 285 7.79 2.20 -5.31
CA THR A 285 7.39 1.85 -3.95
C THR A 285 8.46 1.05 -3.22
N LEU A 286 8.94 1.61 -2.13
CA LEU A 286 9.96 0.96 -1.32
C LEU A 286 9.30 0.09 -0.24
N LEU A 287 9.83 -1.12 -0.08
CA LEU A 287 9.29 -2.06 0.90
C LEU A 287 10.43 -2.50 1.79
N PRO A 288 10.83 -1.61 2.74
CA PRO A 288 11.93 -1.84 3.68
C PRO A 288 11.77 -3.03 4.62
N THR A 289 10.53 -3.35 5.00
CA THR A 289 10.29 -4.46 5.91
C THR A 289 10.66 -5.81 5.32
N ALA A 290 10.37 -6.00 4.04
CA ALA A 290 10.70 -7.26 3.36
C ALA A 290 12.21 -7.34 3.23
N PHE A 291 12.84 -6.20 3.01
CA PHE A 291 14.29 -6.11 2.87
C PHE A 291 14.92 -6.55 4.20
N TYR A 292 14.36 -6.05 5.30
CA TYR A 292 14.82 -6.39 6.65
C TYR A 292 14.68 -7.89 6.96
N PHE A 293 13.45 -8.38 6.86
CA PHE A 293 13.14 -9.76 7.17
C PHE A 293 13.86 -10.79 6.32
N LEU A 294 14.04 -10.49 5.03
CA LEU A 294 14.72 -11.41 4.14
C LEU A 294 16.25 -11.30 4.32
N LYS A 295 16.69 -10.36 5.15
CA LYS A 295 18.11 -10.16 5.42
C LYS A 295 18.88 -9.86 4.14
N GLU A 296 18.26 -9.10 3.26
CA GLU A 296 18.84 -8.73 1.98
C GLU A 296 19.99 -7.75 2.19
N THR A 297 20.91 -7.68 1.23
CA THR A 297 22.03 -6.77 1.36
C THR A 297 22.09 -5.79 0.18
N LYS A 298 21.31 -6.07 -0.86
CA LYS A 298 21.27 -5.19 -2.03
C LYS A 298 20.19 -4.14 -1.81
N LEU A 299 20.63 -2.90 -1.63
CA LEU A 299 19.71 -1.78 -1.38
C LEU A 299 19.12 -1.20 -2.67
N PRO A 300 17.86 -0.76 -2.61
CA PRO A 300 17.19 -0.18 -3.77
C PRO A 300 17.98 1.09 -4.11
N PRO A 301 18.05 1.47 -5.40
CA PRO A 301 18.79 2.66 -5.80
C PRO A 301 18.14 4.00 -5.40
N VAL A 302 18.02 4.20 -4.09
CA VAL A 302 17.40 5.41 -3.54
C VAL A 302 18.06 6.71 -4.03
N VAL A 303 19.39 6.77 -3.91
CA VAL A 303 20.11 7.97 -4.35
C VAL A 303 19.79 8.29 -5.82
N ALA A 304 19.89 7.29 -6.67
CA ALA A 304 19.61 7.49 -8.10
C ALA A 304 18.15 7.89 -8.34
N LEU A 305 17.23 7.27 -7.63
CA LEU A 305 15.81 7.60 -7.78
C LEU A 305 15.60 9.06 -7.40
N ARG A 306 16.27 9.50 -6.36
CA ARG A 306 16.14 10.89 -5.92
C ARG A 306 16.70 11.81 -6.99
N LYS A 307 17.90 11.52 -7.48
CA LYS A 307 18.51 12.35 -8.50
C LYS A 307 17.61 12.50 -9.73
N ALA A 308 16.88 11.44 -10.06
CA ALA A 308 15.98 11.46 -11.22
C ALA A 308 14.61 12.03 -10.89
N GLY A 309 14.39 12.37 -9.62
CA GLY A 309 13.11 12.95 -9.24
C GLY A 309 11.93 11.97 -9.23
N VAL A 310 12.22 10.68 -9.15
CA VAL A 310 11.15 9.69 -9.12
C VAL A 310 10.54 9.66 -7.72
N PRO A 311 9.23 9.93 -7.60
CA PRO A 311 8.58 9.91 -6.29
C PRO A 311 8.64 8.51 -5.67
N MSE A 312 8.98 8.45 -4.38
CA MSE A 312 9.09 7.17 -3.72
C MSE A 312 8.05 7.01 -2.61
O MSE A 312 7.97 7.81 -1.68
CB MSE A 312 10.49 7.01 -3.11
CG MSE A 312 11.65 7.20 -4.09
SE MSE A 312 13.35 7.09 -3.15
CE MSE A 312 13.34 8.79 -2.27
N ALA A 313 7.24 5.96 -2.74
CA ALA A 313 6.25 5.68 -1.73
C ALA A 313 6.89 4.66 -0.78
N VAL A 314 6.34 4.57 0.43
CA VAL A 314 6.83 3.61 1.41
C VAL A 314 5.61 2.81 1.87
N SER A 315 5.76 1.48 1.94
CA SER A 315 4.64 0.63 2.35
C SER A 315 5.12 -0.53 3.22
N SER A 316 4.20 -1.13 3.96
CA SER A 316 4.50 -2.23 4.87
C SER A 316 4.68 -3.61 4.21
N ASP A 317 4.08 -3.78 3.04
CA ASP A 317 4.15 -5.06 2.33
C ASP A 317 3.70 -6.20 3.23
N ILE A 318 2.78 -5.92 4.15
CA ILE A 318 2.28 -6.94 5.08
C ILE A 318 1.98 -8.25 4.35
N ASN A 319 2.68 -9.31 4.74
CA ASN A 319 2.45 -10.62 4.13
C ASN A 319 3.08 -11.67 5.03
N PRO A 320 2.45 -12.86 5.08
CA PRO A 320 2.90 -13.98 5.90
C PRO A 320 4.27 -14.57 5.59
N GLY A 321 4.79 -14.30 4.41
CA GLY A 321 6.07 -14.87 4.05
C GLY A 321 7.33 -14.06 4.25
N THR A 322 7.33 -12.80 3.80
CA THR A 322 8.53 -11.95 3.89
C THR A 322 8.41 -10.66 4.70
N ALA A 323 7.22 -10.34 5.18
CA ALA A 323 7.05 -9.12 5.97
C ALA A 323 5.84 -9.26 6.89
N PRO A 324 5.97 -10.11 7.92
CA PRO A 324 4.90 -10.36 8.91
C PRO A 324 4.78 -9.28 9.96
N ILE A 325 4.91 -8.02 9.54
CA ILE A 325 4.84 -6.91 10.47
C ILE A 325 3.71 -5.95 10.11
N VAL A 326 2.67 -5.96 10.92
CA VAL A 326 1.50 -5.13 10.69
C VAL A 326 1.69 -3.74 11.27
N SER A 327 2.48 -2.94 10.56
CA SER A 327 2.75 -1.59 11.00
C SER A 327 3.27 -0.77 9.82
N LEU A 328 2.59 0.31 9.49
CA LEU A 328 3.05 1.17 8.40
C LEU A 328 4.16 2.07 8.95
N ARG A 329 3.96 2.54 10.18
CA ARG A 329 4.96 3.42 10.79
C ARG A 329 6.30 2.74 11.01
N MSE A 330 6.30 1.44 11.28
CA MSE A 330 7.56 0.73 11.47
C MSE A 330 8.26 0.75 10.10
O MSE A 330 9.48 0.88 10.00
CB MSE A 330 7.30 -0.72 11.89
CG MSE A 330 8.56 -1.53 12.17
SE MSE A 330 9.51 -0.90 13.77
CE MSE A 330 11.08 -0.17 12.94
N ALA A 331 7.47 0.65 9.04
CA ALA A 331 8.02 0.67 7.69
C ALA A 331 8.66 2.02 7.41
N MSE A 332 8.03 3.08 7.91
CA MSE A 332 8.56 4.43 7.71
C MSE A 332 9.90 4.55 8.44
O MSE A 332 10.86 5.11 7.91
CB MSE A 332 7.57 5.45 8.27
CG MSE A 332 6.24 5.49 7.50
SE MSE A 332 4.87 6.50 8.38
CE MSE A 332 5.55 8.30 7.94
N ASN A 333 9.95 4.03 9.66
CA ASN A 333 11.17 4.06 10.46
C ASN A 333 12.27 3.28 9.74
N MSE A 334 11.91 2.13 9.17
CA MSE A 334 12.89 1.33 8.45
C MSE A 334 13.34 1.98 7.15
O MSE A 334 14.49 1.84 6.76
CB MSE A 334 12.36 -0.08 8.20
CG MSE A 334 12.27 -0.89 9.47
SE MSE A 334 11.85 -2.76 9.15
CE MSE A 334 12.01 -3.41 10.98
N ALA A 335 12.43 2.66 6.45
CA ALA A 335 12.81 3.33 5.21
C ALA A 335 13.90 4.35 5.53
N CYS A 336 13.75 5.03 6.67
CA CYS A 336 14.73 6.03 7.08
C CYS A 336 16.04 5.36 7.52
N THR A 337 15.93 4.42 8.45
CA THR A 337 17.11 3.74 8.98
C THR A 337 17.84 2.83 8.00
N LEU A 338 17.11 2.05 7.23
CA LEU A 338 17.73 1.12 6.30
C LEU A 338 17.98 1.67 4.90
N PHE A 339 17.08 2.50 4.39
CA PHE A 339 17.25 3.04 3.04
C PHE A 339 17.73 4.48 3.03
N GLY A 340 17.88 5.07 4.20
CA GLY A 340 18.37 6.43 4.29
C GLY A 340 17.41 7.57 3.99
N LEU A 341 16.12 7.28 3.90
CA LEU A 341 15.16 8.35 3.63
C LEU A 341 15.08 9.29 4.83
N THR A 342 14.62 10.52 4.59
CA THR A 342 14.45 11.49 5.66
C THR A 342 13.03 11.30 6.17
N PRO A 343 12.75 11.75 7.41
CA PRO A 343 11.38 11.57 7.90
C PRO A 343 10.36 12.25 6.98
N VAL A 344 10.78 13.34 6.31
CA VAL A 344 9.86 14.05 5.43
C VAL A 344 9.60 13.25 4.14
N GLU A 345 10.62 12.54 3.65
CA GLU A 345 10.44 11.72 2.45
C GLU A 345 9.51 10.55 2.81
N ALA A 346 9.66 10.03 4.03
CA ALA A 346 8.83 8.92 4.49
C ALA A 346 7.37 9.35 4.60
N MSE A 347 7.15 10.55 5.14
CA MSE A 347 5.80 11.07 5.30
C MSE A 347 5.14 11.28 3.94
O MSE A 347 3.99 10.89 3.71
CB MSE A 347 5.81 12.37 6.11
CG MSE A 347 4.42 12.91 6.44
SE MSE A 347 3.34 11.63 7.43
CE MSE A 347 1.83 12.82 7.82
N ALA A 348 5.87 11.89 3.01
CA ALA A 348 5.32 12.09 1.67
C ALA A 348 5.11 10.70 1.07
N GLY A 349 5.96 9.76 1.49
CA GLY A 349 5.86 8.40 0.99
C GLY A 349 4.57 7.68 1.38
N VAL A 350 3.95 8.09 2.48
CA VAL A 350 2.71 7.44 2.92
C VAL A 350 1.49 8.36 2.75
N THR A 351 1.69 9.48 2.06
CA THR A 351 0.59 10.39 1.80
C THR A 351 0.52 10.69 0.31
N ARG A 352 1.15 11.81 -0.08
CA ARG A 352 1.20 12.27 -1.46
C ARG A 352 1.57 11.19 -2.48
N HIS A 353 2.73 10.57 -2.28
CA HIS A 353 3.23 9.55 -3.20
C HIS A 353 2.45 8.26 -3.13
N ALA A 354 1.97 7.89 -1.94
CA ALA A 354 1.19 6.67 -1.78
C ALA A 354 -0.12 6.85 -2.53
N ALA A 355 -0.70 8.05 -2.42
CA ALA A 355 -1.96 8.34 -3.10
C ALA A 355 -1.78 8.15 -4.61
N ARG A 356 -0.70 8.71 -5.14
CA ARG A 356 -0.41 8.61 -6.57
C ARG A 356 -0.22 7.15 -7.00
N ALA A 357 0.45 6.37 -6.16
CA ALA A 357 0.68 4.96 -6.46
C ALA A 357 -0.63 4.19 -6.60
N LEU A 358 -1.71 4.74 -6.04
CA LEU A 358 -3.02 4.11 -6.12
C LEU A 358 -3.92 4.84 -7.09
N GLY A 359 -3.34 5.80 -7.83
CA GLY A 359 -4.09 6.57 -8.80
C GLY A 359 -5.05 7.56 -8.18
N GLU A 360 -4.80 7.92 -6.93
CA GLU A 360 -5.67 8.86 -6.22
C GLU A 360 -5.00 10.22 -5.96
N GLN A 361 -3.98 10.55 -6.73
CA GLN A 361 -3.26 11.81 -6.55
C GLN A 361 -4.16 13.05 -6.48
N GLU A 362 -5.28 13.02 -7.22
CA GLU A 362 -6.19 14.17 -7.23
C GLU A 362 -7.19 14.19 -6.09
N GLN A 363 -7.35 13.08 -5.39
CA GLN A 363 -8.33 12.98 -4.31
C GLN A 363 -7.83 12.86 -2.88
N LEU A 364 -6.65 12.28 -2.70
CA LEU A 364 -6.10 12.05 -1.36
C LEU A 364 -4.62 12.39 -1.20
N GLY A 365 -4.16 12.39 0.04
CA GLY A 365 -2.76 12.64 0.32
C GLY A 365 -2.31 14.04 0.65
N GLN A 366 -3.21 15.02 0.53
CA GLN A 366 -2.84 16.41 0.83
C GLN A 366 -4.01 17.15 1.48
N LEU A 367 -3.69 18.13 2.33
CA LEU A 367 -4.73 18.91 2.98
C LEU A 367 -4.96 20.13 2.08
N ARG A 368 -5.73 19.92 1.03
CA ARG A 368 -6.07 20.97 0.08
C ARG A 368 -7.58 21.05 -0.09
N VAL A 369 -8.08 22.26 -0.33
CA VAL A 369 -9.50 22.44 -0.55
C VAL A 369 -9.89 21.66 -1.80
N GLY A 370 -11.00 20.94 -1.72
CA GLY A 370 -11.44 20.17 -2.87
C GLY A 370 -11.14 18.67 -2.79
N MSE A 371 -10.16 18.30 -1.98
CA MSE A 371 -9.80 16.89 -1.84
C MSE A 371 -10.62 16.24 -0.72
O MSE A 371 -11.20 16.93 0.11
CB MSE A 371 -8.31 16.73 -1.58
CG MSE A 371 -7.47 17.14 -2.79
SE MSE A 371 -5.59 16.70 -2.59
CE MSE A 371 -5.61 14.94 -3.30
N LEU A 372 -10.65 14.91 -0.70
CA LEU A 372 -11.41 14.19 0.31
C LEU A 372 -10.95 14.51 1.73
N ALA A 373 -11.90 14.56 2.67
CA ALA A 373 -11.60 14.89 4.05
C ALA A 373 -11.10 13.69 4.86
N ASP A 374 -9.90 13.23 4.52
CA ASP A 374 -9.27 12.10 5.22
C ASP A 374 -8.07 12.73 5.92
N PHE A 375 -8.23 13.02 7.20
CA PHE A 375 -7.12 13.63 7.95
C PHE A 375 -7.04 13.13 9.37
N LEU A 376 -5.93 13.45 10.02
CA LEU A 376 -5.68 12.99 11.38
C LEU A 376 -5.23 14.10 12.32
N VAL A 377 -5.72 14.07 13.55
CA VAL A 377 -5.32 15.04 14.56
C VAL A 377 -4.48 14.25 15.55
N TRP A 378 -3.22 14.62 15.70
CA TRP A 378 -2.31 13.90 16.59
C TRP A 378 -2.05 14.61 17.91
N ASN A 379 -1.51 13.87 18.87
CA ASN A 379 -1.19 14.47 20.15
C ASN A 379 0.31 14.74 20.21
N CYS A 380 1.03 14.43 19.13
CA CYS A 380 2.46 14.70 19.11
C CYS A 380 2.71 16.05 18.44
N GLY A 381 3.81 16.70 18.79
CA GLY A 381 4.09 18.01 18.27
C GLY A 381 4.55 18.25 16.86
N HIS A 382 5.37 17.35 16.32
CA HIS A 382 5.90 17.54 14.98
C HIS A 382 5.74 16.27 14.13
N PRO A 383 5.46 16.43 12.82
CA PRO A 383 5.28 15.27 11.94
C PRO A 383 6.49 14.35 11.83
N ALA A 384 7.69 14.88 12.06
CA ALA A 384 8.89 14.06 12.00
C ALA A 384 8.77 12.88 12.97
N GLU A 385 8.01 13.08 14.04
CA GLU A 385 7.84 12.03 15.03
C GLU A 385 7.07 10.80 14.52
N LEU A 386 6.30 10.96 13.46
CA LEU A 386 5.53 9.83 12.93
C LEU A 386 6.41 8.70 12.39
N SER A 387 7.59 9.05 11.88
CA SER A 387 8.54 8.06 11.36
C SER A 387 9.49 7.63 12.48
N TYR A 388 9.50 8.38 13.58
CA TYR A 388 10.42 8.13 14.69
C TYR A 388 9.94 7.20 15.79
N LEU A 389 8.97 7.66 16.59
CA LEU A 389 8.44 6.88 17.70
C LEU A 389 7.34 5.95 17.20
N ILE A 390 7.61 4.64 17.31
CA ILE A 390 6.69 3.63 16.81
C ILE A 390 5.98 2.80 17.88
N GLY A 391 4.78 2.33 17.56
CA GLY A 391 4.03 1.48 18.47
C GLY A 391 3.09 2.10 19.48
N VAL A 392 3.02 3.42 19.53
CA VAL A 392 2.15 4.12 20.49
C VAL A 392 0.95 4.78 19.83
N ASP A 393 -0.24 4.57 20.41
CA ASP A 393 -1.45 5.18 19.87
C ASP A 393 -1.35 6.68 20.16
N GLN A 394 -1.41 7.49 19.12
CA GLN A 394 -1.28 8.94 19.27
C GLN A 394 -2.37 9.74 18.58
N LEU A 395 -3.40 9.06 18.08
CA LEU A 395 -4.49 9.76 17.40
C LEU A 395 -5.49 10.37 18.37
N VAL A 396 -5.83 11.62 18.14
CA VAL A 396 -6.81 12.32 18.97
C VAL A 396 -8.10 12.31 18.16
N SER A 397 -7.95 12.29 16.84
CA SER A 397 -9.10 12.29 15.94
C SER A 397 -8.68 11.67 14.61
N ARG A 398 -9.53 10.80 14.07
CA ARG A 398 -9.25 10.14 12.80
C ARG A 398 -10.47 10.34 11.92
N VAL A 399 -10.35 11.23 10.95
CA VAL A 399 -11.44 11.57 10.06
C VAL A 399 -11.32 10.95 8.67
N VAL A 400 -12.38 10.28 8.24
CA VAL A 400 -12.43 9.65 6.93
C VAL A 400 -13.72 10.11 6.25
N ASN A 401 -13.58 10.68 5.06
CA ASN A 401 -14.70 11.21 4.29
C ASN A 401 -15.48 12.24 5.11
N GLY A 402 -14.77 13.00 5.92
CA GLY A 402 -15.40 14.03 6.73
C GLY A 402 -16.04 13.58 8.02
N GLU A 403 -15.97 12.29 8.35
CA GLU A 403 -16.60 11.82 9.58
C GLU A 403 -15.62 11.23 10.59
N GLU A 404 -15.83 11.56 11.86
CA GLU A 404 -14.99 11.06 12.94
C GLU A 404 -15.13 9.55 13.01
N THR A 405 -14.01 8.85 13.24
CA THR A 405 -14.03 7.39 13.30
C THR A 405 -13.55 6.75 14.60
N LEU A 406 -13.02 7.53 15.55
CA LEU A 406 -12.57 6.90 16.77
C LEU A 406 -13.77 6.49 17.62
N HIS A 407 -14.86 7.26 17.53
CA HIS A 407 -16.08 6.95 18.25
C HIS A 407 -17.29 7.73 17.73
FE FE B . 4.23 -7.68 -1.91
N1 DI6 C . 7.66 -10.85 -2.97
C2 DI6 C . 7.61 -10.97 -1.63
O2 DI6 C . 8.49 -10.69 -0.84
C3 DI6 C . 6.20 -11.53 -1.30
N4 DI6 C . 5.60 -11.68 -2.65
C5 DI6 C . 6.51 -11.25 -3.56
O5 DI6 C . 6.32 -11.22 -4.76
C6 DI6 C . 6.30 -12.86 -0.57
C7 DI6 C . 4.93 -13.45 -0.24
C8 DI6 C . 4.98 -14.80 0.51
O9 DI6 C . 3.93 -15.17 1.09
O10 DI6 C . 6.02 -15.49 0.53
#